data_4BDY
#
_entry.id   4BDY
#
_cell.length_a   159.410
_cell.length_b   159.410
_cell.length_c   124.030
_cell.angle_alpha   90.00
_cell.angle_beta   90.00
_cell.angle_gamma   90.00
#
_symmetry.space_group_name_H-M   'P 41 21 2'
#
loop_
_entity.id
_entity.type
_entity.pdbx_description
1 polymer INTEGRASE
2 polymer '19 NUCLEOTIDE PREPROCESSED PFV DONOR DNA (NON-TRANSFERRED STRAND)'
3 polymer '17 NUCLEOTIDE PREPROCESSED PFV DONOR DNA (TRANSFERRED STRAND)'
4 non-polymer 'ZINC ION'
5 non-polymer 'SULFATE ION'
6 non-polymer GLYCEROL
7 non-polymer 'MAGNESIUM ION'
8 non-polymer 2-(3-chloro-4-fluorobenzyl)-4,5-dihydroxy-1H-isoindole-1,3(2H)-dione
9 water water
#
loop_
_entity_poly.entity_id
_entity_poly.type
_entity_poly.pdbx_seq_one_letter_code
_entity_poly.pdbx_strand_id
1 'polypeptide(L)'
;GPGCNTKKPNLDAELDQLLQGHYIKGYPKQYTYFLEDGKVKVSRPEGVKIIPPQSDRQKIVLQAHNLAHTGREATLLKIA
NLYWWPNMRKDVVKQLGRCQQCLITNASNKASGPILRPDRPQKPFDKFFIDYIGPLPPSQGYLYVLVVVDGMTGFTWLYP
TKAPSTSATVKSLNVLTSIAIPKVIHSDQGAAFTSSTFAEWAKERGIHLEFSTPYHPQSSGKVERKNSDIKRLLTKLLVG
RPTKWYDLLPVVQLALNNTYSPVLKYTPHQLLFGIDSNTPFANQDTLDLTREEELSLLQEIRTSLYHPSTPPASSRSWSP
VVGQLVQERVARPASLRPRWHKPSTVLKVLNPRTVVILDHLGNNRTVSIDNLKPTSHQNGTTNDTATMDHLEKNE
;
A,B
2 'polydeoxyribonucleotide' (DA)(DT)(DT)(DG)(DT)(DC)(DA)(DT)(DG)(DG)(DA)(DA)(DT)(DT)(DT)(DC)(DG)(DC)(DA) C
3 'polydeoxyribonucleotide' (DT)(DG)(DC)(DG)(DA)(DA)(DA)(DT)(DT)(DC)(DC)(DA)(DT)(DG)(DA)(DC)(DA) D
#
loop_
_chem_comp.id
_chem_comp.type
_chem_comp.name
_chem_comp.formula
CIJ non-polymer 2-(3-chloro-4-fluorobenzyl)-4,5-dihydroxy-1H-isoindole-1,3(2H)-dione 'C15 H9 Cl F N O4'
DA DNA linking 2'-DEOXYADENOSINE-5'-MONOPHOSPHATE 'C10 H14 N5 O6 P'
DC DNA linking 2'-DEOXYCYTIDINE-5'-MONOPHOSPHATE 'C9 H14 N3 O7 P'
DG DNA linking 2'-DEOXYGUANOSINE-5'-MONOPHOSPHATE 'C10 H14 N5 O7 P'
DT DNA linking THYMIDINE-5'-MONOPHOSPHATE 'C10 H15 N2 O8 P'
GOL non-polymer GLYCEROL 'C3 H8 O3'
MG non-polymer 'MAGNESIUM ION' 'Mg 2'
SO4 non-polymer 'SULFATE ION' 'O4 S -2'
ZN non-polymer 'ZINC ION' 'Zn 2'
#
# COMPACT_ATOMS: atom_id res chain seq x y z
N LEU A 11 -10.48 61.16 1.91
CA LEU A 11 -10.88 61.99 3.08
C LEU A 11 -11.64 63.26 2.64
N ASP A 12 -11.28 64.42 3.20
CA ASP A 12 -11.96 65.71 2.99
C ASP A 12 -11.95 66.25 1.56
N ALA A 13 -10.83 66.10 0.86
CA ALA A 13 -10.69 66.54 -0.53
C ALA A 13 -11.88 66.09 -1.36
N GLU A 14 -12.06 64.77 -1.44
CA GLU A 14 -13.14 64.13 -2.19
C GLU A 14 -14.53 64.59 -1.77
N LEU A 15 -14.81 64.50 -0.49
CA LEU A 15 -16.15 64.81 0.02
C LEU A 15 -16.49 66.32 -0.01
N ASP A 16 -15.46 67.16 -0.13
CA ASP A 16 -15.66 68.58 -0.37
C ASP A 16 -16.35 68.76 -1.71
N GLN A 17 -15.63 68.42 -2.79
CA GLN A 17 -16.12 68.60 -4.18
C GLN A 17 -17.54 68.13 -4.34
N LEU A 18 -17.91 67.19 -3.48
CA LEU A 18 -19.16 66.51 -3.57
C LEU A 18 -20.29 67.38 -3.04
N LEU A 19 -20.08 67.98 -1.88
CA LEU A 19 -21.12 68.77 -1.24
C LEU A 19 -21.55 69.94 -2.14
N GLN A 20 -20.58 70.49 -2.87
CA GLN A 20 -20.82 71.56 -3.83
C GLN A 20 -21.20 71.04 -5.24
N GLY A 21 -21.98 69.96 -5.28
CA GLY A 21 -22.57 69.42 -6.51
C GLY A 21 -21.71 69.00 -7.70
N HIS A 22 -20.38 68.94 -7.57
CA HIS A 22 -19.51 68.39 -8.64
C HIS A 22 -19.45 66.87 -8.62
N TYR A 23 -19.23 66.28 -9.79
CA TYR A 23 -19.24 64.81 -9.93
C TYR A 23 -17.91 64.15 -9.53
N ILE A 24 -17.94 63.17 -8.61
CA ILE A 24 -16.74 62.32 -8.41
C ILE A 24 -16.99 60.90 -8.90
N LYS A 25 -16.04 60.34 -9.67
CA LYS A 25 -16.20 58.96 -10.13
C LYS A 25 -16.52 58.04 -8.95
N GLY A 26 -17.58 57.24 -9.11
CA GLY A 26 -18.02 56.33 -8.08
C GLY A 26 -19.26 56.78 -7.34
N TYR A 27 -19.46 58.09 -7.21
CA TYR A 27 -20.65 58.63 -6.56
C TYR A 27 -21.66 59.02 -7.63
N PRO A 28 -22.77 58.25 -7.74
CA PRO A 28 -23.78 58.52 -8.79
C PRO A 28 -24.37 59.90 -8.64
N LYS A 29 -24.49 60.65 -9.75
CA LYS A 29 -24.89 62.08 -9.73
C LYS A 29 -26.34 62.31 -9.33
N GLN A 30 -27.18 61.32 -9.60
CA GLN A 30 -28.64 61.46 -9.45
C GLN A 30 -29.14 61.49 -8.00
N TYR A 31 -28.25 61.28 -7.04
CA TYR A 31 -28.61 61.39 -5.61
C TYR A 31 -28.08 62.69 -5.09
N THR A 32 -28.63 63.15 -3.97
CA THR A 32 -28.11 64.39 -3.40
C THR A 32 -27.45 64.19 -2.04
N TYR A 33 -26.31 64.87 -1.90
CA TYR A 33 -25.33 64.62 -0.86
C TYR A 33 -25.15 65.79 0.13
N PHE A 34 -26.00 65.88 1.13
CA PHE A 34 -25.90 66.98 2.07
C PHE A 34 -24.87 66.84 3.18
N LEU A 35 -24.77 67.88 4.02
CA LEU A 35 -24.03 67.84 5.30
C LEU A 35 -25.02 67.90 6.46
N GLU A 36 -24.64 67.36 7.63
CA GLU A 36 -25.52 67.24 8.80
C GLU A 36 -24.74 66.62 9.96
N ASP A 37 -24.87 67.23 11.13
CA ASP A 37 -24.19 66.77 12.35
C ASP A 37 -22.69 66.58 12.20
N GLY A 38 -22.10 67.34 11.27
CA GLY A 38 -20.66 67.32 11.02
C GLY A 38 -20.25 66.19 10.10
N LYS A 39 -21.23 65.57 9.46
CA LYS A 39 -21.00 64.35 8.66
C LYS A 39 -21.65 64.40 7.27
N VAL A 40 -20.91 64.06 6.23
CA VAL A 40 -21.48 63.94 4.89
C VAL A 40 -22.54 62.83 4.81
N LYS A 41 -23.65 63.09 4.15
CA LYS A 41 -24.72 62.09 4.06
C LYS A 41 -25.30 62.01 2.67
N VAL A 42 -26.09 60.97 2.45
CA VAL A 42 -26.70 60.72 1.14
C VAL A 42 -28.04 60.06 1.38
N SER A 43 -29.01 60.44 0.56
CA SER A 43 -30.34 59.89 0.67
C SER A 43 -30.49 58.81 -0.39
N ARG A 44 -30.38 57.56 0.05
CA ARG A 44 -30.45 56.41 -0.84
C ARG A 44 -31.80 55.71 -0.69
N PRO A 45 -32.19 54.91 -1.70
CA PRO A 45 -33.49 54.28 -1.64
C PRO A 45 -33.76 53.53 -0.31
N GLU A 46 -32.77 52.87 0.28
CA GLU A 46 -32.99 52.16 1.56
C GLU A 46 -33.09 53.14 2.74
N GLY A 47 -32.64 54.37 2.52
CA GLY A 47 -32.62 55.38 3.56
C GLY A 47 -31.38 56.26 3.50
N VAL A 48 -31.21 57.06 4.55
CA VAL A 48 -30.12 58.04 4.63
C VAL A 48 -28.90 57.36 5.24
N LYS A 49 -27.75 57.43 4.58
CA LYS A 49 -26.54 56.80 5.12
C LYS A 49 -25.41 57.79 5.23
N ILE A 50 -24.55 57.57 6.21
CA ILE A 50 -23.39 58.42 6.34
C ILE A 50 -22.35 57.96 5.32
N ILE A 51 -21.70 58.91 4.66
CA ILE A 51 -20.59 58.60 3.80
C ILE A 51 -19.32 58.95 4.52
N PRO A 52 -18.61 57.94 5.03
CA PRO A 52 -17.38 58.28 5.74
C PRO A 52 -16.28 58.68 4.79
N PRO A 53 -15.34 59.52 5.28
CA PRO A 53 -14.09 59.80 4.57
C PRO A 53 -13.34 58.50 4.28
N GLN A 54 -12.67 58.44 3.14
CA GLN A 54 -11.91 57.25 2.81
C GLN A 54 -10.91 56.82 3.89
N SER A 55 -10.30 57.78 4.57
CA SER A 55 -9.30 57.48 5.61
C SER A 55 -9.90 56.76 6.81
N ASP A 56 -11.21 56.59 6.80
CA ASP A 56 -11.95 56.04 7.91
C ASP A 56 -12.53 54.65 7.60
N ARG A 57 -12.57 54.32 6.31
CA ARG A 57 -13.25 53.14 5.83
C ARG A 57 -12.65 51.81 6.28
N GLN A 58 -11.35 51.67 6.22
CA GLN A 58 -10.77 50.44 6.64
C GLN A 58 -11.13 50.15 8.12
N LYS A 59 -11.16 51.18 8.96
CA LYS A 59 -11.50 51.00 10.39
C LYS A 59 -12.92 50.48 10.53
N ILE A 60 -13.85 51.12 9.81
CA ILE A 60 -15.24 50.70 9.80
C ILE A 60 -15.42 49.23 9.36
N VAL A 61 -14.88 48.89 8.20
CA VAL A 61 -14.96 47.53 7.68
C VAL A 61 -14.42 46.55 8.73
N LEU A 62 -13.35 46.93 9.39
CA LEU A 62 -12.71 46.07 10.34
C LEU A 62 -13.54 45.90 11.62
N GLN A 63 -14.20 46.95 12.09
CA GLN A 63 -15.03 46.84 13.28
C GLN A 63 -16.26 45.99 12.96
N ALA A 64 -16.84 46.19 11.78
CA ALA A 64 -17.97 45.36 11.39
C ALA A 64 -17.52 43.92 11.32
N HIS A 65 -16.43 43.65 10.59
CA HIS A 65 -15.98 42.28 10.44
C HIS A 65 -15.73 41.63 11.78
N ASN A 66 -15.10 42.36 12.69
CA ASN A 66 -14.65 41.78 13.98
C ASN A 66 -15.73 41.44 14.98
N LEU A 67 -16.96 41.91 14.74
CA LEU A 67 -18.04 41.64 15.68
C LEU A 67 -18.18 40.14 15.86
N ALA A 68 -18.20 39.40 14.76
CA ALA A 68 -18.35 37.95 14.82
C ALA A 68 -17.48 37.25 13.76
N HIS A 69 -16.54 38.01 13.20
CA HIS A 69 -15.64 37.52 12.12
C HIS A 69 -16.42 36.93 10.98
N THR A 70 -17.39 37.73 10.52
CA THR A 70 -18.30 37.33 9.48
C THR A 70 -17.64 37.42 8.10
N GLY A 71 -18.25 36.75 7.11
CA GLY A 71 -17.77 36.74 5.73
C GLY A 71 -18.36 37.92 4.99
N ARG A 72 -18.52 37.79 3.68
CA ARG A 72 -18.74 38.97 2.81
C ARG A 72 -20.07 39.62 3.09
N GLU A 73 -21.16 38.92 2.75
CA GLU A 73 -22.51 39.43 2.96
C GLU A 73 -22.84 39.80 4.42
N ALA A 74 -22.50 38.95 5.38
CA ALA A 74 -22.89 39.24 6.76
C ALA A 74 -22.15 40.46 7.34
N THR A 75 -20.93 40.70 6.87
CA THR A 75 -20.19 41.93 7.19
C THR A 75 -20.81 43.13 6.47
N LEU A 76 -21.05 43.00 5.18
CA LEU A 76 -21.65 44.08 4.44
C LEU A 76 -22.97 44.54 5.07
N LEU A 77 -23.82 43.59 5.46
CA LEU A 77 -25.13 43.94 5.99
C LEU A 77 -25.07 44.77 7.26
N LYS A 78 -24.04 44.54 8.08
CA LYS A 78 -23.80 45.38 9.23
C LYS A 78 -23.46 46.78 8.79
N ILE A 79 -22.45 46.91 7.94
CA ILE A 79 -21.97 48.21 7.50
C ILE A 79 -23.09 49.03 6.87
N ALA A 80 -23.89 48.39 6.01
CA ALA A 80 -24.93 49.08 5.25
C ALA A 80 -26.01 49.68 6.15
N ASN A 81 -26.09 49.21 7.39
CA ASN A 81 -27.03 49.75 8.35
C ASN A 81 -26.79 51.26 8.60
N LEU A 82 -25.51 51.64 8.70
CA LEU A 82 -25.10 53.02 8.93
C LEU A 82 -24.51 53.73 7.72
N TYR A 83 -23.71 53.04 6.91
CA TYR A 83 -22.96 53.72 5.86
C TYR A 83 -23.27 53.31 4.45
N TRP A 84 -22.90 54.20 3.53
CA TRP A 84 -22.81 53.87 2.12
C TRP A 84 -21.56 54.53 1.61
N TRP A 85 -20.91 53.87 0.66
CA TRP A 85 -19.82 54.44 -0.15
C TRP A 85 -19.59 53.62 -1.39
N PRO A 86 -18.77 54.10 -2.36
CA PRO A 86 -18.62 53.33 -3.61
C PRO A 86 -17.87 52.03 -3.41
N ASN A 87 -18.46 50.93 -3.91
CA ASN A 87 -17.83 49.60 -3.96
C ASN A 87 -17.43 49.05 -2.60
N MET A 88 -18.40 49.02 -1.70
CA MET A 88 -18.21 48.54 -0.36
C MET A 88 -17.61 47.13 -0.28
N ARG A 89 -18.17 46.21 -1.07
CA ARG A 89 -17.72 44.83 -1.02
C ARG A 89 -16.24 44.73 -1.37
N LYS A 90 -15.73 45.61 -2.25
CA LYS A 90 -14.30 45.60 -2.57
C LYS A 90 -13.49 45.82 -1.31
N ASP A 91 -13.97 46.70 -0.44
CA ASP A 91 -13.24 46.94 0.80
C ASP A 91 -13.44 45.80 1.80
N VAL A 92 -14.65 45.21 1.82
CA VAL A 92 -14.94 44.12 2.72
C VAL A 92 -14.03 42.93 2.36
N VAL A 93 -14.02 42.58 1.08
CA VAL A 93 -13.21 41.49 0.61
C VAL A 93 -11.72 41.74 0.90
N LYS A 94 -11.29 42.98 0.79
CA LYS A 94 -9.89 43.30 1.03
C LYS A 94 -9.51 42.90 2.44
N GLN A 95 -10.39 43.19 3.39
CA GLN A 95 -10.16 42.83 4.79
C GLN A 95 -10.23 41.33 5.08
N LEU A 96 -11.22 40.65 4.47
CA LEU A 96 -11.39 39.21 4.63
C LEU A 96 -10.13 38.48 4.22
N GLY A 97 -9.51 38.94 3.13
CA GLY A 97 -8.27 38.38 2.62
C GLY A 97 -7.07 38.65 3.50
N ARG A 98 -7.22 39.55 4.49
CA ARG A 98 -6.15 39.84 5.45
C ARG A 98 -6.46 39.40 6.88
N CYS A 99 -7.65 38.86 7.15
CA CYS A 99 -7.92 38.38 8.50
C CYS A 99 -7.29 36.98 8.69
N GLN A 100 -6.14 36.96 9.34
CA GLN A 100 -5.42 35.72 9.56
C GLN A 100 -6.36 34.70 10.21
N GLN A 101 -7.09 35.15 11.23
CA GLN A 101 -7.98 34.30 12.00
C GLN A 101 -9.09 33.71 11.12
N CYS A 102 -9.63 34.49 10.18
CA CYS A 102 -10.63 33.88 9.31
C CYS A 102 -10.01 32.89 8.33
N LEU A 103 -8.83 33.22 7.80
CA LEU A 103 -8.24 32.42 6.75
C LEU A 103 -7.89 31.02 7.26
N ILE A 104 -7.48 30.91 8.51
CA ILE A 104 -7.02 29.65 9.02
C ILE A 104 -8.09 28.88 9.79
N THR A 105 -9.20 29.52 10.15
CA THR A 105 -10.29 28.82 10.84
C THR A 105 -11.46 28.41 9.94
N ASN A 106 -11.81 29.24 8.95
CA ASN A 106 -12.93 28.91 8.11
C ASN A 106 -12.74 27.65 7.28
N ALA A 107 -13.86 27.05 6.89
CA ALA A 107 -13.85 25.86 6.06
C ALA A 107 -13.72 26.33 4.65
N SER A 108 -13.33 25.42 3.76
CA SER A 108 -13.36 25.66 2.33
C SER A 108 -14.76 25.43 1.82
N ASN A 109 -15.07 26.01 0.70
CA ASN A 109 -16.27 25.64 0.05
C ASN A 109 -16.00 25.26 -1.40
N LYS A 110 -14.75 24.92 -1.70
CA LYS A 110 -14.43 24.34 -3.01
C LYS A 110 -13.99 22.87 -2.87
N ALA A 111 -14.55 21.96 -3.66
CA ALA A 111 -14.17 20.55 -3.56
C ALA A 111 -12.84 20.27 -4.31
N SER A 112 -12.11 19.20 -3.94
CA SER A 112 -10.95 18.73 -4.70
C SER A 112 -11.36 18.33 -6.12
N GLY A 113 -10.43 18.48 -7.06
CA GLY A 113 -10.72 17.99 -8.41
C GLY A 113 -10.84 16.47 -8.38
N PRO A 114 -11.41 15.88 -9.45
CA PRO A 114 -11.73 14.45 -9.48
C PRO A 114 -10.51 13.55 -9.29
N ILE A 115 -10.68 12.40 -8.65
CA ILE A 115 -9.56 11.50 -8.37
C ILE A 115 -8.87 10.94 -9.64
N LEU A 116 -7.57 10.70 -9.56
CA LEU A 116 -6.85 9.87 -10.55
C LEU A 116 -7.05 8.36 -10.33
N ARG A 117 -7.08 7.60 -11.41
CA ARG A 117 -7.03 6.16 -11.29
C ARG A 117 -5.68 5.66 -11.81
N PRO A 118 -4.63 5.64 -10.98
CA PRO A 118 -3.32 5.23 -11.54
C PRO A 118 -3.39 3.89 -12.27
N ASP A 119 -2.59 3.70 -13.31
CA ASP A 119 -2.57 2.43 -14.08
C ASP A 119 -2.28 1.23 -13.20
N ARG A 120 -2.95 0.12 -13.46
CA ARG A 120 -2.59 -1.12 -12.77
C ARG A 120 -1.11 -1.45 -13.07
N PRO A 121 -0.32 -1.76 -12.04
CA PRO A 121 1.06 -2.20 -12.30
C PRO A 121 1.05 -3.32 -13.34
N GLN A 122 2.03 -3.33 -14.24
CA GLN A 122 1.93 -4.24 -15.38
C GLN A 122 2.12 -5.71 -15.01
N LYS A 123 2.97 -5.99 -14.02
CA LYS A 123 3.31 -7.34 -13.69
C LYS A 123 3.19 -7.60 -12.16
N PRO A 124 2.98 -8.87 -11.79
CA PRO A 124 3.09 -9.21 -10.39
C PRO A 124 4.48 -8.85 -9.97
N PHE A 125 4.60 -8.41 -8.73
CA PHE A 125 5.86 -8.03 -8.10
C PHE A 125 6.43 -6.68 -8.55
N ASP A 126 5.78 -6.02 -9.54
CA ASP A 126 6.15 -4.63 -9.90
C ASP A 126 5.95 -3.69 -8.73
N LYS A 127 4.85 -3.84 -7.98
CA LYS A 127 4.53 -2.91 -6.89
C LYS A 127 3.71 -3.55 -5.78
N PHE A 128 4.27 -3.57 -4.58
CA PHE A 128 3.52 -4.00 -3.39
C PHE A 128 2.96 -2.80 -2.68
N PHE A 129 1.71 -2.89 -2.22
CA PHE A 129 1.16 -1.94 -1.22
C PHE A 129 1.09 -2.62 0.13
N ILE A 130 1.66 -1.99 1.15
CA ILE A 130 1.65 -2.57 2.47
C ILE A 130 1.04 -1.63 3.50
N ASP A 131 0.53 -2.19 4.60
CA ASP A 131 -0.15 -1.40 5.62
C ASP A 131 -0.46 -2.24 6.84
N TYR A 132 -0.75 -1.57 7.95
CA TYR A 132 -1.16 -2.25 9.16
C TYR A 132 -2.64 -2.08 9.45
N ILE A 133 -3.25 -3.14 9.95
CA ILE A 133 -4.55 -3.11 10.58
C ILE A 133 -4.32 -3.32 12.06
N GLY A 134 -5.00 -2.54 12.90
CA GLY A 134 -5.09 -2.83 14.35
C GLY A 134 -4.94 -1.55 15.13
N PRO A 135 -5.02 -1.62 16.46
CA PRO A 135 -4.97 -2.83 17.29
C PRO A 135 -6.27 -3.60 17.27
N LEU A 136 -6.17 -4.91 17.25
CA LEU A 136 -7.33 -5.81 17.30
C LEU A 136 -7.40 -6.40 18.74
N PRO A 137 -8.51 -7.04 19.12
CA PRO A 137 -8.51 -7.71 20.43
C PRO A 137 -7.32 -8.68 20.50
N PRO A 138 -6.63 -8.75 21.64
CA PRO A 138 -5.48 -9.66 21.72
C PRO A 138 -5.83 -11.09 21.36
N SER A 139 -5.02 -11.68 20.48
CA SER A 139 -5.14 -13.08 20.09
C SER A 139 -3.73 -13.68 20.10
N GLN A 140 -3.53 -14.71 20.91
CA GLN A 140 -2.20 -15.29 21.22
C GLN A 140 -1.10 -14.25 21.40
N GLY A 141 -1.44 -13.10 21.96
CA GLY A 141 -0.44 -12.08 22.26
C GLY A 141 -0.20 -11.15 21.10
N TYR A 142 -0.95 -11.37 20.01
CA TYR A 142 -0.86 -10.54 18.80
C TYR A 142 -1.96 -9.47 18.74
N LEU A 143 -1.63 -8.34 18.12
CA LEU A 143 -2.51 -7.19 18.15
C LEU A 143 -2.70 -6.59 16.78
N TYR A 144 -1.75 -6.81 15.88
CA TYR A 144 -1.80 -6.18 14.55
C TYR A 144 -1.69 -7.19 13.41
N VAL A 145 -1.97 -6.75 12.18
CA VAL A 145 -1.75 -7.57 11.02
C VAL A 145 -1.05 -6.69 10.02
N LEU A 146 0.08 -7.17 9.50
CA LEU A 146 0.71 -6.55 8.34
C LEU A 146 0.01 -7.11 7.11
N VAL A 147 -0.43 -6.23 6.23
CA VAL A 147 -1.09 -6.66 5.03
C VAL A 147 -0.24 -6.24 3.85
N VAL A 148 0.06 -7.21 2.98
CA VAL A 148 0.86 -6.95 1.78
C VAL A 148 0.05 -7.33 0.56
N VAL A 149 -0.23 -6.35 -0.29
CA VAL A 149 -1.04 -6.59 -1.46
C VAL A 149 -0.23 -6.34 -2.73
N ASP A 150 -0.20 -7.32 -3.63
CA ASP A 150 0.47 -7.13 -4.89
C ASP A 150 -0.42 -6.33 -5.80
N GLY A 151 0.13 -5.24 -6.32
CA GLY A 151 -0.62 -4.28 -7.10
C GLY A 151 -1.34 -4.86 -8.28
N MET A 152 -0.62 -5.66 -9.07
CA MET A 152 -1.18 -6.14 -10.31
C MET A 152 -2.29 -7.13 -10.10
N THR A 153 -2.07 -8.05 -9.18
CA THR A 153 -2.92 -9.21 -9.05
C THR A 153 -3.98 -9.06 -7.96
N GLY A 154 -3.66 -8.29 -6.93
CA GLY A 154 -4.49 -8.24 -5.74
C GLY A 154 -4.14 -9.37 -4.78
N PHE A 155 -3.22 -10.24 -5.17
CA PHE A 155 -2.80 -11.31 -4.27
C PHE A 155 -2.21 -10.70 -2.99
N THR A 156 -2.59 -11.28 -1.85
CA THR A 156 -2.40 -10.69 -0.53
C THR A 156 -1.79 -11.66 0.44
N TRP A 157 -0.82 -11.16 1.22
CA TRP A 157 -0.21 -11.95 2.28
C TRP A 157 -0.50 -11.31 3.62
N LEU A 158 -0.81 -12.11 4.62
CA LEU A 158 -1.15 -11.59 5.96
C LEU A 158 -0.16 -12.05 7.01
N TYR A 159 0.31 -11.14 7.86
CA TYR A 159 1.17 -11.50 8.99
C TYR A 159 0.70 -10.91 10.34
N PRO A 160 0.46 -11.77 11.33
CA PRO A 160 0.15 -11.29 12.69
C PRO A 160 1.38 -10.68 13.31
N THR A 161 1.28 -9.51 13.94
CA THR A 161 2.41 -8.95 14.68
C THR A 161 1.99 -8.46 16.07
N LYS A 162 2.98 -8.07 16.89
CA LYS A 162 2.69 -7.60 18.23
C LYS A 162 2.67 -6.09 18.30
N ALA A 163 3.16 -5.45 17.24
CA ALA A 163 3.25 -4.00 17.13
C ALA A 163 3.39 -3.62 15.65
N PRO A 164 3.02 -2.39 15.26
CA PRO A 164 3.29 -1.97 13.89
C PRO A 164 4.73 -1.42 13.77
N SER A 165 5.71 -2.28 14.04
CA SER A 165 7.14 -1.86 14.11
C SER A 165 7.90 -2.15 12.82
N THR A 166 8.97 -1.40 12.60
CA THR A 166 9.91 -1.72 11.56
C THR A 166 10.38 -3.17 11.70
N SER A 167 10.71 -3.57 12.93
CA SER A 167 11.34 -4.84 13.15
C SER A 167 10.42 -5.97 12.73
N ALA A 168 9.12 -5.84 13.00
CA ALA A 168 8.18 -6.91 12.60
C ALA A 168 7.84 -6.84 11.11
N THR A 169 7.89 -5.63 10.55
CA THR A 169 7.75 -5.48 9.11
C THR A 169 8.89 -6.26 8.40
N VAL A 170 10.11 -5.97 8.85
CA VAL A 170 11.30 -6.60 8.30
C VAL A 170 11.23 -8.13 8.42
N LYS A 171 10.89 -8.65 9.61
CA LYS A 171 10.77 -10.09 9.77
C LYS A 171 9.77 -10.65 8.76
N SER A 172 8.61 -10.02 8.61
CA SER A 172 7.56 -10.56 7.75
C SER A 172 7.96 -10.52 6.30
N LEU A 173 8.50 -9.40 5.85
CA LEU A 173 8.94 -9.29 4.48
C LEU A 173 10.19 -10.17 4.14
N ASN A 174 11.02 -10.53 5.12
CA ASN A 174 12.05 -11.51 4.83
C ASN A 174 11.42 -12.84 4.49
N VAL A 175 10.34 -13.19 5.16
CA VAL A 175 9.63 -14.40 4.77
C VAL A 175 8.96 -14.26 3.40
N LEU A 176 8.28 -13.15 3.18
CA LEU A 176 7.59 -13.01 1.91
C LEU A 176 8.54 -12.96 0.72
N THR A 177 9.63 -12.21 0.84
CA THR A 177 10.56 -12.02 -0.27
C THR A 177 11.42 -13.26 -0.59
N SER A 178 11.26 -14.32 0.21
CA SER A 178 11.71 -15.66 -0.16
C SER A 178 11.14 -16.06 -1.48
N ILE A 179 9.91 -15.65 -1.75
CA ILE A 179 9.25 -16.11 -2.95
C ILE A 179 9.70 -15.25 -4.16
N ALA A 180 9.78 -13.93 -3.97
CA ALA A 180 10.14 -12.99 -5.04
C ALA A 180 10.35 -11.62 -4.44
N ILE A 181 11.10 -10.78 -5.15
CA ILE A 181 11.48 -9.46 -4.67
C ILE A 181 10.74 -8.47 -5.55
N PRO A 182 10.07 -7.48 -4.93
CA PRO A 182 9.26 -6.56 -5.72
C PRO A 182 10.14 -5.40 -6.18
N LYS A 183 9.82 -4.76 -7.31
CA LYS A 183 10.51 -3.52 -7.69
C LYS A 183 10.25 -2.43 -6.66
N VAL A 184 8.95 -2.23 -6.33
CA VAL A 184 8.53 -1.11 -5.49
C VAL A 184 7.68 -1.57 -4.32
N ILE A 185 7.92 -1.00 -3.15
CA ILE A 185 6.98 -1.10 -2.07
C ILE A 185 6.38 0.28 -1.77
N HIS A 186 5.06 0.38 -1.92
CA HIS A 186 4.33 1.60 -1.58
C HIS A 186 3.72 1.45 -0.22
N SER A 187 3.96 2.45 0.62
CA SER A 187 3.35 2.50 1.91
C SER A 187 2.96 3.93 2.26
N ASP A 188 2.18 4.07 3.31
CA ASP A 188 1.89 5.39 3.84
C ASP A 188 3.06 5.75 4.76
N GLN A 189 2.92 6.87 5.49
CA GLN A 189 4.01 7.38 6.30
C GLN A 189 3.94 6.92 7.72
N GLY A 190 3.43 5.74 7.96
CA GLY A 190 3.50 5.19 9.33
C GLY A 190 4.94 5.05 9.84
N ALA A 191 5.12 5.07 11.16
CA ALA A 191 6.45 5.04 11.77
C ALA A 191 7.26 3.82 11.25
N ALA A 192 6.61 2.67 11.18
CA ALA A 192 7.22 1.43 10.72
C ALA A 192 7.90 1.48 9.36
N PHE A 193 7.41 2.32 8.45
CA PHE A 193 7.86 2.30 7.07
C PHE A 193 8.81 3.41 6.70
N THR A 194 8.91 4.42 7.56
CA THR A 194 9.63 5.65 7.23
C THR A 194 10.95 5.67 8.01
N SER A 195 11.16 4.69 8.89
CA SER A 195 12.39 4.57 9.69
C SER A 195 13.60 4.32 8.76
N SER A 196 14.78 4.73 9.22
CA SER A 196 15.99 4.57 8.41
C SER A 196 16.40 3.10 8.34
N THR A 197 16.07 2.33 9.38
CA THR A 197 16.28 0.87 9.38
C THR A 197 15.49 0.22 8.25
N PHE A 198 14.27 0.68 8.02
CA PHE A 198 13.48 0.07 6.97
C PHE A 198 14.02 0.47 5.61
N ALA A 199 14.54 1.68 5.53
CA ALA A 199 15.08 2.23 4.27
C ALA A 199 16.32 1.42 3.83
N GLU A 200 17.13 1.05 4.82
CA GLU A 200 18.33 0.24 4.60
C GLU A 200 17.96 -1.15 4.16
N TRP A 201 16.99 -1.72 4.84
CA TRP A 201 16.48 -3.03 4.48
C TRP A 201 16.09 -3.09 3.01
N ALA A 202 15.50 -2.01 2.48
CA ALA A 202 15.08 -1.97 1.08
C ALA A 202 16.20 -1.70 0.06
N LYS A 203 17.16 -0.86 0.46
CA LYS A 203 18.32 -0.57 -0.39
C LYS A 203 19.17 -1.84 -0.52
N GLU A 204 19.44 -2.49 0.61
CA GLU A 204 20.06 -3.80 0.61
C GLU A 204 19.47 -4.72 -0.43
N ARG A 205 18.21 -4.53 -0.82
CA ARG A 205 17.56 -5.50 -1.71
C ARG A 205 17.18 -4.99 -3.08
N GLY A 206 17.49 -3.75 -3.41
CA GLY A 206 17.16 -3.23 -4.72
C GLY A 206 15.73 -2.75 -4.83
N ILE A 207 15.03 -2.68 -3.69
CA ILE A 207 13.59 -2.33 -3.66
C ILE A 207 13.45 -0.82 -3.46
N HIS A 208 12.79 -0.13 -4.39
CA HIS A 208 12.44 1.30 -4.22
C HIS A 208 11.24 1.54 -3.28
N LEU A 209 11.42 2.36 -2.24
CA LEU A 209 10.33 2.76 -1.35
C LEU A 209 9.59 3.99 -1.86
N GLU A 210 8.30 3.82 -2.06
CA GLU A 210 7.40 4.89 -2.50
C GLU A 210 6.48 5.19 -1.31
N PHE A 211 6.30 6.49 -1.02
CA PHE A 211 5.41 6.89 0.09
C PHE A 211 4.14 7.65 -0.31
N SER A 212 3.05 7.36 0.37
CA SER A 212 1.82 8.16 0.22
C SER A 212 2.10 9.60 0.67
N THR A 213 1.46 10.60 0.04
CA THR A 213 1.40 11.92 0.64
C THR A 213 0.86 11.75 2.07
N PRO A 214 1.22 12.67 3.00
CA PRO A 214 0.85 12.42 4.40
C PRO A 214 -0.67 12.54 4.63
N TYR A 215 -1.20 11.78 5.59
CA TYR A 215 -2.60 11.88 6.00
C TYR A 215 -3.62 11.73 4.85
N HIS A 216 -3.43 10.71 4.03
CA HIS A 216 -4.24 10.49 2.82
C HIS A 216 -4.31 9.02 2.50
N PRO A 217 -5.03 8.22 3.33
CA PRO A 217 -5.07 6.78 3.19
C PRO A 217 -5.52 6.34 1.80
N GLN A 218 -6.29 7.19 1.10
CA GLN A 218 -6.75 6.82 -0.24
C GLN A 218 -5.59 6.43 -1.19
N SER A 219 -4.39 6.94 -0.86
CA SER A 219 -3.23 6.79 -1.69
C SER A 219 -2.72 5.36 -1.61
N SER A 220 -2.93 4.74 -0.45
CA SER A 220 -2.75 3.32 -0.31
C SER A 220 -4.06 2.55 -0.57
N GLY A 221 -4.96 3.13 -1.35
CA GLY A 221 -6.27 2.52 -1.61
C GLY A 221 -6.28 1.02 -1.91
N LYS A 222 -5.27 0.55 -2.65
CA LYS A 222 -5.14 -0.85 -3.00
C LYS A 222 -5.14 -1.75 -1.77
N VAL A 223 -4.34 -1.41 -0.77
CA VAL A 223 -4.26 -2.26 0.40
C VAL A 223 -5.38 -1.91 1.39
N GLU A 224 -5.70 -0.62 1.54
CA GLU A 224 -6.80 -0.20 2.43
C GLU A 224 -8.04 -0.97 2.04
N ARG A 225 -8.31 -1.06 0.74
CA ARG A 225 -9.53 -1.71 0.29
C ARG A 225 -9.51 -3.18 0.60
N LYS A 226 -8.32 -3.77 0.71
CA LYS A 226 -8.23 -5.19 1.01
C LYS A 226 -8.40 -5.41 2.52
N ASN A 227 -7.91 -4.46 3.33
CA ASN A 227 -8.18 -4.43 4.76
C ASN A 227 -9.66 -4.52 5.04
N SER A 228 -10.46 -3.77 4.29
CA SER A 228 -11.90 -3.88 4.44
C SER A 228 -12.33 -5.36 4.33
N ASP A 229 -11.98 -6.01 3.23
CA ASP A 229 -12.42 -7.38 3.01
C ASP A 229 -11.91 -8.34 4.07
N ILE A 230 -10.71 -8.07 4.58
CA ILE A 230 -10.13 -8.93 5.58
C ILE A 230 -10.97 -8.83 6.86
N LYS A 231 -11.18 -7.61 7.34
CA LYS A 231 -11.95 -7.38 8.55
C LYS A 231 -13.36 -7.91 8.34
N ARG A 232 -13.89 -7.75 7.13
CA ARG A 232 -15.26 -8.19 6.90
C ARG A 232 -15.40 -9.70 7.00
N LEU A 233 -14.41 -10.45 6.50
CA LEU A 233 -14.50 -11.92 6.51
C LEU A 233 -14.19 -12.44 7.91
N LEU A 234 -13.23 -11.81 8.60
CA LEU A 234 -12.94 -12.16 9.98
C LEU A 234 -14.18 -12.01 10.87
N THR A 235 -14.87 -10.88 10.71
CA THR A 235 -16.02 -10.58 11.51
C THR A 235 -17.09 -11.67 11.32
N LYS A 236 -17.39 -12.00 10.06
CA LYS A 236 -18.31 -13.10 9.74
C LYS A 236 -17.89 -14.43 10.36
N LEU A 237 -16.60 -14.75 10.29
CA LEU A 237 -16.16 -16.05 10.76
C LEU A 237 -16.22 -16.10 12.28
N LEU A 238 -16.15 -14.93 12.92
CA LEU A 238 -16.12 -14.84 14.37
C LEU A 238 -17.51 -14.62 15.04
N VAL A 239 -18.59 -14.59 14.25
CA VAL A 239 -19.92 -14.32 14.80
C VAL A 239 -20.27 -15.35 15.89
N GLY A 240 -20.73 -14.85 17.03
CA GLY A 240 -21.07 -15.69 18.16
C GLY A 240 -19.94 -16.54 18.71
N ARG A 241 -18.69 -16.18 18.42
CA ARG A 241 -17.53 -16.84 19.06
C ARG A 241 -16.67 -15.75 19.61
N PRO A 242 -15.79 -16.10 20.56
CA PRO A 242 -14.81 -15.08 21.00
C PRO A 242 -13.84 -14.69 19.85
N THR A 243 -13.37 -13.44 19.87
CA THR A 243 -12.62 -12.91 18.72
C THR A 243 -11.19 -13.47 18.65
N LYS A 244 -11.08 -14.78 18.45
CA LYS A 244 -9.79 -15.49 18.31
C LYS A 244 -9.31 -15.50 16.85
N TRP A 245 -8.78 -14.38 16.39
CA TRP A 245 -8.50 -14.18 14.96
C TRP A 245 -7.17 -14.73 14.45
N TYR A 246 -6.18 -14.87 15.31
CA TYR A 246 -4.88 -15.39 14.95
C TYR A 246 -4.90 -16.62 14.05
N ASP A 247 -5.72 -17.60 14.36
CA ASP A 247 -5.74 -18.87 13.62
C ASP A 247 -6.57 -18.75 12.38
N LEU A 248 -7.21 -17.63 12.18
CA LEU A 248 -8.01 -17.50 11.00
C LEU A 248 -7.29 -16.72 9.93
N LEU A 249 -6.20 -16.04 10.27
CA LEU A 249 -5.45 -15.30 9.24
C LEU A 249 -5.18 -16.17 8.04
N PRO A 250 -4.60 -17.38 8.24
CA PRO A 250 -4.29 -18.22 7.06
C PRO A 250 -5.54 -18.61 6.27
N VAL A 251 -6.63 -18.89 6.96
CA VAL A 251 -7.88 -19.23 6.27
C VAL A 251 -8.35 -18.05 5.47
N VAL A 252 -8.32 -16.85 6.08
CA VAL A 252 -8.81 -15.65 5.41
C VAL A 252 -7.95 -15.33 4.21
N GLN A 253 -6.63 -15.39 4.40
CA GLN A 253 -5.67 -15.21 3.29
C GLN A 253 -6.02 -16.07 2.07
N LEU A 254 -6.11 -17.37 2.28
CA LEU A 254 -6.43 -18.25 1.17
C LEU A 254 -7.85 -17.98 0.64
N ALA A 255 -8.81 -17.74 1.53
CA ALA A 255 -10.18 -17.47 1.07
C ALA A 255 -10.20 -16.27 0.12
N LEU A 256 -9.58 -15.15 0.52
CA LEU A 256 -9.60 -13.95 -0.33
C LEU A 256 -8.78 -14.10 -1.64
N ASN A 257 -7.65 -14.80 -1.58
CA ASN A 257 -6.80 -14.88 -2.78
C ASN A 257 -7.48 -15.71 -3.84
N ASN A 258 -8.48 -16.48 -3.43
CA ASN A 258 -9.22 -17.35 -4.36
C ASN A 258 -10.66 -16.92 -4.58
N THR A 259 -10.96 -15.66 -4.26
CA THR A 259 -12.28 -15.05 -4.49
C THR A 259 -12.32 -14.24 -5.80
N TYR A 260 -13.37 -14.45 -6.58
CA TYR A 260 -13.53 -13.73 -7.82
C TYR A 260 -13.81 -12.25 -7.58
N SER A 261 -13.22 -11.38 -8.39
CA SER A 261 -13.74 -10.03 -8.46
C SER A 261 -14.76 -10.01 -9.60
N PRO A 262 -16.03 -9.67 -9.31
CA PRO A 262 -17.00 -9.73 -10.40
C PRO A 262 -16.67 -8.87 -11.64
N VAL A 263 -15.95 -7.77 -11.47
CA VAL A 263 -15.70 -6.90 -12.64
C VAL A 263 -14.54 -7.45 -13.49
N LEU A 264 -13.63 -8.19 -12.86
CA LEU A 264 -12.50 -8.78 -13.56
C LEU A 264 -12.80 -10.17 -14.09
N LYS A 265 -13.63 -10.94 -13.38
CA LYS A 265 -13.85 -12.39 -13.67
C LYS A 265 -12.65 -13.28 -13.39
N TYR A 266 -11.73 -12.82 -12.56
CA TYR A 266 -10.60 -13.61 -12.16
C TYR A 266 -10.41 -13.46 -10.65
N THR A 267 -9.76 -14.44 -10.01
CA THR A 267 -9.31 -14.30 -8.64
C THR A 267 -7.86 -13.83 -8.62
N PRO A 268 -7.42 -13.30 -7.48
CA PRO A 268 -6.02 -12.89 -7.42
C PRO A 268 -5.07 -14.07 -7.64
N HIS A 269 -5.43 -15.23 -7.15
CA HIS A 269 -4.60 -16.42 -7.37
C HIS A 269 -4.43 -16.65 -8.87
N GLN A 270 -5.55 -16.53 -9.60
CA GLN A 270 -5.53 -16.76 -11.03
C GLN A 270 -4.64 -15.74 -11.74
N LEU A 271 -4.76 -14.47 -11.40
CA LEU A 271 -3.91 -13.45 -12.02
C LEU A 271 -2.44 -13.65 -11.69
N LEU A 272 -2.14 -14.36 -10.62
CA LEU A 272 -0.74 -14.52 -10.25
C LEU A 272 -0.12 -15.79 -10.92
N PHE A 273 -0.90 -16.86 -11.02
CA PHE A 273 -0.40 -18.17 -11.40
C PHE A 273 -1.00 -18.65 -12.73
N GLY A 274 -2.14 -18.09 -13.12
CA GLY A 274 -2.76 -18.48 -14.38
C GLY A 274 -3.39 -19.86 -14.30
N ILE A 275 -3.42 -20.44 -13.10
CA ILE A 275 -4.12 -21.70 -12.90
C ILE A 275 -4.47 -21.88 -11.41
N ASP A 276 -5.64 -22.43 -11.12
CA ASP A 276 -6.02 -22.71 -9.75
C ASP A 276 -5.25 -23.86 -9.12
N SER A 277 -4.93 -23.75 -7.84
CA SER A 277 -4.41 -24.91 -7.10
C SER A 277 -5.56 -25.81 -6.66
N ASN A 278 -5.27 -26.77 -5.80
CA ASN A 278 -6.28 -27.74 -5.37
C ASN A 278 -7.17 -27.14 -4.27
N THR A 279 -7.91 -26.09 -4.61
CA THR A 279 -8.86 -25.50 -3.66
C THR A 279 -10.26 -25.81 -4.19
N PRO A 280 -11.30 -25.59 -3.36
CA PRO A 280 -12.62 -25.94 -3.85
C PRO A 280 -13.08 -25.16 -5.08
N PHE A 281 -13.74 -25.87 -5.99
CA PHE A 281 -14.30 -25.26 -7.16
C PHE A 281 -13.23 -24.72 -8.09
N ALA A 282 -12.11 -25.44 -8.17
CA ALA A 282 -11.01 -24.99 -9.02
C ALA A 282 -11.51 -24.92 -10.45
N ASN A 283 -11.12 -23.87 -11.17
CA ASN A 283 -11.48 -23.74 -12.57
C ASN A 283 -10.63 -24.66 -13.44
N GLN A 284 -11.22 -25.26 -14.47
CA GLN A 284 -10.56 -26.31 -15.25
C GLN A 284 -10.48 -26.05 -16.74
N ASP A 285 -10.71 -24.82 -17.13
CA ASP A 285 -10.71 -24.50 -18.55
C ASP A 285 -9.39 -24.73 -19.27
N THR A 286 -8.25 -24.57 -18.63
CA THR A 286 -7.01 -24.77 -19.38
C THR A 286 -6.42 -26.17 -19.19
N LEU A 287 -7.29 -27.12 -18.88
CA LEU A 287 -6.82 -28.48 -18.62
C LEU A 287 -6.05 -29.09 -19.80
N ASP A 288 -6.44 -28.75 -21.03
CA ASP A 288 -5.80 -29.34 -22.19
C ASP A 288 -4.72 -28.45 -22.80
N LEU A 289 -4.38 -27.36 -22.13
CA LEU A 289 -3.34 -26.48 -22.63
C LEU A 289 -2.06 -26.92 -22.00
N THR A 290 -0.94 -26.72 -22.70
CA THR A 290 0.35 -26.92 -22.07
C THR A 290 0.57 -25.74 -21.10
N ARG A 291 1.53 -25.85 -20.19
CA ARG A 291 1.81 -24.74 -19.33
C ARG A 291 2.15 -23.51 -20.15
N GLU A 292 2.94 -23.70 -21.21
CA GLU A 292 3.39 -22.59 -22.04
C GLU A 292 2.20 -21.91 -22.71
N GLU A 293 1.26 -22.69 -23.26
CA GLU A 293 0.05 -22.09 -23.80
C GLU A 293 -0.74 -21.33 -22.74
N GLU A 294 -0.81 -21.90 -21.54
CA GLU A 294 -1.52 -21.32 -20.41
C GLU A 294 -0.90 -19.97 -19.99
N LEU A 295 0.44 -19.90 -19.90
CA LEU A 295 1.15 -18.66 -19.56
C LEU A 295 0.99 -17.60 -20.61
N SER A 296 0.62 -18.05 -21.78
CA SER A 296 0.55 -17.19 -22.92
C SER A 296 -0.83 -16.56 -22.86
N LEU A 297 -1.84 -17.36 -22.55
CA LEU A 297 -3.19 -16.87 -22.24
C LEU A 297 -3.18 -15.94 -21.01
N LEU A 298 -2.41 -16.28 -19.98
CA LEU A 298 -2.29 -15.42 -18.81
C LEU A 298 -1.73 -14.05 -19.18
N GLN A 299 -0.73 -14.02 -20.06
CA GLN A 299 -0.15 -12.73 -20.46
C GLN A 299 -1.19 -11.88 -21.16
N GLU A 300 -2.01 -12.52 -21.99
CA GLU A 300 -3.11 -11.85 -22.63
C GLU A 300 -4.14 -11.32 -21.62
N ILE A 301 -4.56 -12.14 -20.68
CA ILE A 301 -5.53 -11.75 -19.70
C ILE A 301 -5.01 -10.61 -18.84
N ARG A 302 -3.74 -10.68 -18.42
CA ARG A 302 -3.18 -9.61 -17.61
C ARG A 302 -3.26 -8.23 -18.25
N THR A 303 -3.11 -8.16 -19.58
CA THR A 303 -3.03 -6.84 -20.23
C THR A 303 -4.41 -6.27 -20.53
N SER A 304 -5.39 -7.14 -20.72
CA SER A 304 -6.70 -6.62 -21.07
C SER A 304 -7.68 -6.44 -19.90
N LEU A 305 -7.21 -6.26 -18.66
CA LEU A 305 -8.12 -6.11 -17.52
C LEU A 305 -8.83 -4.75 -17.53
N TYR A 306 -10.09 -4.72 -17.12
CA TYR A 306 -10.85 -3.48 -16.98
C TYR A 306 -10.10 -2.43 -16.19
N HIS A 307 -10.01 -1.22 -16.72
CA HIS A 307 -9.44 -0.16 -15.94
C HIS A 307 -10.34 1.05 -15.85
N PRO A 308 -10.62 1.52 -14.63
CA PRO A 308 -11.62 2.62 -14.45
C PRO A 308 -11.07 3.95 -14.96
N SER A 309 -11.93 4.90 -15.33
CA SER A 309 -11.40 6.23 -15.66
C SER A 309 -11.72 7.30 -14.61
N THR A 310 -10.90 8.34 -14.60
CA THR A 310 -11.13 9.56 -13.83
C THR A 310 -12.61 10.00 -13.93
N PRO A 311 -13.31 10.16 -12.79
CA PRO A 311 -14.73 10.52 -12.83
C PRO A 311 -14.95 12.01 -13.14
N PRO A 312 -16.19 12.42 -13.45
CA PRO A 312 -16.46 13.85 -13.71
C PRO A 312 -16.15 14.75 -12.49
N ALA A 313 -15.58 15.93 -12.73
CA ALA A 313 -15.36 16.91 -11.64
C ALA A 313 -16.71 17.33 -11.02
N SER A 314 -16.73 17.66 -9.74
CA SER A 314 -17.97 18.17 -9.17
C SER A 314 -18.09 19.62 -9.66
N SER A 315 -19.31 20.16 -9.65
CA SER A 315 -19.52 21.54 -10.20
C SER A 315 -18.65 22.63 -9.58
N ARG A 316 -18.12 22.43 -8.38
CA ARG A 316 -17.28 23.49 -7.84
C ARG A 316 -15.98 22.98 -7.24
N SER A 317 -15.14 22.42 -8.10
CA SER A 317 -13.86 21.90 -7.67
C SER A 317 -12.79 22.91 -8.01
N TRP A 318 -11.62 22.73 -7.45
CA TRP A 318 -10.51 23.58 -7.81
C TRP A 318 -9.36 22.68 -8.13
N SER A 319 -8.52 23.14 -9.05
CA SER A 319 -7.26 22.45 -9.34
C SER A 319 -6.10 23.39 -9.12
N PRO A 320 -4.99 22.85 -8.61
CA PRO A 320 -3.88 23.69 -8.20
C PRO A 320 -3.10 24.25 -9.40
N VAL A 321 -2.66 25.49 -9.25
CA VAL A 321 -1.89 26.22 -10.24
C VAL A 321 -0.57 26.67 -9.55
N VAL A 322 0.55 26.54 -10.26
CA VAL A 322 1.85 26.94 -9.71
C VAL A 322 1.77 28.41 -9.30
N GLY A 323 2.32 28.75 -8.13
CA GLY A 323 2.22 30.12 -7.61
C GLY A 323 1.00 30.45 -6.73
N GLN A 324 -0.04 29.59 -6.72
CA GLN A 324 -1.27 29.75 -5.90
C GLN A 324 -0.99 29.77 -4.41
N LEU A 325 -1.72 30.59 -3.67
CA LEU A 325 -1.73 30.44 -2.21
C LEU A 325 -2.75 29.38 -1.83
N VAL A 326 -2.34 28.46 -0.99
CA VAL A 326 -3.17 27.34 -0.63
C VAL A 326 -2.85 27.10 0.82
N GLN A 327 -3.73 26.44 1.57
CA GLN A 327 -3.41 26.11 2.96
C GLN A 327 -3.55 24.64 3.22
N GLU A 328 -2.60 24.12 3.98
CA GLU A 328 -2.55 22.72 4.36
C GLU A 328 -3.40 22.49 5.58
N ARG A 329 -4.17 21.41 5.54
CA ARG A 329 -4.99 20.99 6.68
C ARG A 329 -4.15 20.72 7.90
N VAL A 330 -4.57 21.21 9.07
CA VAL A 330 -3.84 20.85 10.30
C VAL A 330 -4.10 19.36 10.56
N ALA A 331 -3.06 18.62 10.89
CA ALA A 331 -3.19 17.17 11.00
C ALA A 331 -4.02 16.69 12.19
N ARG A 332 -3.64 17.04 13.41
CA ARG A 332 -4.42 16.62 14.57
C ARG A 332 -4.70 17.88 15.42
N PRO A 333 -5.71 18.67 15.01
CA PRO A 333 -5.85 20.01 15.61
C PRO A 333 -6.43 19.91 17.00
N ALA A 334 -5.80 20.59 17.95
CA ALA A 334 -6.33 20.66 19.32
C ALA A 334 -7.76 21.25 19.36
N SER A 335 -8.44 20.96 20.47
CA SER A 335 -9.75 21.52 20.75
C SER A 335 -9.72 23.05 20.62
N LEU A 336 -10.71 23.62 19.93
CA LEU A 336 -10.76 25.09 19.72
C LEU A 336 -9.52 25.70 19.06
N ARG A 337 -8.84 24.95 18.21
CA ARG A 337 -7.70 25.47 17.46
C ARG A 337 -7.99 25.39 15.97
N PRO A 338 -7.30 26.20 15.15
CA PRO A 338 -7.66 26.21 13.74
C PRO A 338 -7.39 24.88 13.01
N ARG A 339 -8.16 24.63 11.96
CA ARG A 339 -8.08 23.40 11.19
C ARG A 339 -7.13 23.61 9.99
N TRP A 340 -6.70 24.84 9.78
CA TRP A 340 -5.80 25.16 8.67
C TRP A 340 -4.54 25.86 9.09
N HIS A 341 -3.40 25.47 8.50
CA HIS A 341 -2.15 26.23 8.56
C HIS A 341 -2.19 27.57 7.82
N LYS A 342 -1.22 28.45 8.09
CA LYS A 342 -1.17 29.76 7.39
C LYS A 342 -0.94 29.51 5.89
N PRO A 343 -1.26 30.50 5.06
CA PRO A 343 -1.10 30.30 3.61
C PRO A 343 0.31 29.90 3.15
N SER A 344 0.37 29.16 2.04
CA SER A 344 1.64 28.78 1.43
C SER A 344 1.51 28.70 -0.07
N THR A 345 2.63 28.53 -0.77
CA THR A 345 2.62 28.70 -2.21
C THR A 345 2.85 27.36 -2.88
N VAL A 346 2.12 27.10 -3.95
CA VAL A 346 2.35 25.92 -4.79
C VAL A 346 3.67 26.11 -5.58
N LEU A 347 4.68 25.34 -5.21
CA LEU A 347 5.94 25.32 -5.94
C LEU A 347 5.79 24.56 -7.22
N LYS A 348 5.23 23.35 -7.13
CA LYS A 348 5.16 22.50 -8.29
C LYS A 348 3.91 21.68 -8.24
N VAL A 349 3.22 21.64 -9.37
CA VAL A 349 2.08 20.74 -9.65
C VAL A 349 2.59 19.39 -10.21
N LEU A 350 2.85 18.41 -9.32
CA LEU A 350 3.24 17.03 -9.73
C LEU A 350 2.24 16.28 -10.57
N ASN A 351 0.95 16.38 -10.23
CA ASN A 351 -0.14 15.94 -11.13
C ASN A 351 -1.32 16.74 -10.61
N PRO A 352 -2.48 16.68 -11.27
CA PRO A 352 -3.57 17.58 -10.84
C PRO A 352 -4.11 17.30 -9.42
N ARG A 353 -3.64 16.24 -8.77
CA ARG A 353 -4.09 15.91 -7.42
C ARG A 353 -2.96 15.94 -6.39
N THR A 354 -1.74 16.28 -6.83
CA THR A 354 -0.56 16.23 -5.94
C THR A 354 0.36 17.41 -6.17
N VAL A 355 0.74 18.11 -5.10
CA VAL A 355 1.58 19.28 -5.25
C VAL A 355 2.70 19.34 -4.27
N VAL A 356 3.68 20.19 -4.60
CA VAL A 356 4.76 20.56 -3.67
C VAL A 356 4.50 21.99 -3.26
N ILE A 357 4.53 22.21 -1.97
CA ILE A 357 4.32 23.54 -1.45
C ILE A 357 5.49 23.95 -0.57
N LEU A 358 5.62 25.27 -0.40
CA LEU A 358 6.55 25.88 0.54
C LEU A 358 5.96 25.98 1.94
N ASP A 359 6.13 24.88 2.68
CA ASP A 359 5.52 24.59 4.00
C ASP A 359 4.95 25.81 4.72
N HIS A 360 5.54 26.08 5.88
CA HIS A 360 4.98 26.97 6.90
C HIS A 360 6.04 26.86 7.94
N LEU A 361 6.96 25.92 7.70
CA LEU A 361 8.08 25.64 8.59
C LEU A 361 9.46 26.28 8.26
N GLY A 362 9.80 26.73 7.02
CA GLY A 362 9.12 26.51 5.74
C GLY A 362 9.94 25.61 4.80
N ASN A 363 9.65 24.32 4.84
CA ASN A 363 10.28 23.32 4.00
C ASN A 363 9.47 23.02 2.75
N ASN A 364 10.01 22.16 1.89
CA ASN A 364 9.29 21.66 0.74
C ASN A 364 8.45 20.52 1.27
N ARG A 365 7.21 20.44 0.82
CA ARG A 365 6.35 19.41 1.34
C ARG A 365 5.48 18.94 0.22
N THR A 366 5.43 17.63 0.03
CA THR A 366 4.63 17.04 -1.05
C THR A 366 3.34 16.55 -0.43
N VAL A 367 2.24 16.99 -1.00
CA VAL A 367 0.99 16.99 -0.27
C VAL A 367 -0.16 16.66 -1.21
N SER A 368 -1.18 15.99 -0.69
CA SER A 368 -2.38 15.75 -1.49
C SER A 368 -3.24 16.99 -1.52
N ILE A 369 -3.91 17.18 -2.64
CA ILE A 369 -4.78 18.33 -2.81
C ILE A 369 -6.00 18.21 -1.83
N ASP A 370 -6.36 16.99 -1.44
CA ASP A 370 -7.43 16.73 -0.45
C ASP A 370 -7.07 17.30 0.89
N ASN A 371 -5.78 17.53 1.14
CA ASN A 371 -5.39 18.16 2.38
C ASN A 371 -5.05 19.63 2.21
N LEU A 372 -5.52 20.22 1.11
CA LEU A 372 -5.35 21.63 0.84
C LEU A 372 -6.67 22.39 0.60
N LYS A 373 -6.74 23.64 1.02
CA LYS A 373 -7.75 24.55 0.44
C LYS A 373 -7.08 25.73 -0.28
N PRO A 374 -7.72 26.23 -1.34
CA PRO A 374 -7.15 27.44 -1.93
C PRO A 374 -7.44 28.61 -1.03
N THR A 375 -6.43 29.41 -0.70
CA THR A 375 -6.70 30.63 0.09
C THR A 375 -7.73 31.54 -0.57
N SER A 376 -8.72 31.92 0.23
CA SER A 376 -9.83 32.76 -0.22
C SER A 376 -9.46 34.21 -0.49
N HIS A 377 -10.18 34.87 -1.38
CA HIS A 377 -9.94 36.29 -1.67
C HIS A 377 -8.58 36.63 -2.26
N GLN A 378 -7.88 35.66 -2.87
CA GLN A 378 -6.54 35.85 -3.45
C GLN A 378 -5.43 36.32 -2.51
N ASP B 119 -4.08 -38.14 -22.30
CA ASP B 119 -3.76 -37.62 -20.93
C ASP B 119 -3.22 -36.17 -20.93
N ARG B 120 -3.61 -35.41 -19.90
CA ARG B 120 -3.42 -33.96 -19.82
C ARG B 120 -2.00 -33.53 -19.39
N PRO B 121 -1.50 -32.40 -19.92
CA PRO B 121 -0.18 -31.85 -19.59
C PRO B 121 0.07 -31.60 -18.10
N GLN B 122 1.33 -31.69 -17.70
CA GLN B 122 1.73 -31.43 -16.34
C GLN B 122 1.54 -29.93 -15.97
N LYS B 123 1.12 -29.65 -14.73
CA LYS B 123 0.87 -28.27 -14.30
C LYS B 123 1.45 -27.98 -12.89
N PRO B 124 1.71 -26.69 -12.58
CA PRO B 124 2.10 -26.29 -11.23
C PRO B 124 0.99 -26.73 -10.25
N PHE B 125 1.38 -27.17 -9.04
CA PHE B 125 0.43 -27.67 -8.00
C PHE B 125 -0.12 -29.06 -8.22
N ASP B 126 0.28 -29.73 -9.30
CA ASP B 126 -0.11 -31.14 -9.55
C ASP B 126 0.51 -32.05 -8.53
N LYS B 127 1.74 -31.76 -8.15
CA LYS B 127 2.50 -32.63 -7.28
C LYS B 127 3.56 -31.83 -6.51
N PHE B 128 3.57 -31.91 -5.20
CA PHE B 128 4.62 -31.29 -4.40
C PHE B 128 5.51 -32.41 -3.85
N PHE B 129 6.81 -32.25 -3.97
CA PHE B 129 7.70 -33.27 -3.47
C PHE B 129 8.26 -32.70 -2.21
N ILE B 130 8.14 -33.46 -1.13
CA ILE B 130 8.65 -32.96 0.16
C ILE B 130 9.69 -33.86 0.80
N ASP B 131 10.62 -33.25 1.53
CA ASP B 131 11.58 -34.03 2.25
C ASP B 131 12.25 -33.21 3.32
N TYR B 132 12.86 -33.89 4.29
CA TYR B 132 13.67 -33.21 5.31
C TYR B 132 15.16 -33.29 4.99
N ILE B 133 15.88 -32.22 5.29
CA ILE B 133 17.32 -32.19 5.28
C ILE B 133 17.76 -31.85 6.70
N GLY B 134 18.67 -32.65 7.27
CA GLY B 134 19.22 -32.41 8.62
C GLY B 134 19.41 -33.69 9.43
N PRO B 135 19.87 -33.58 10.69
CA PRO B 135 20.18 -32.42 11.52
C PRO B 135 21.26 -31.54 10.92
N LEU B 136 21.12 -30.23 11.11
CA LEU B 136 22.15 -29.27 10.77
C LEU B 136 22.64 -28.68 12.08
N PRO B 137 23.76 -27.92 12.06
CA PRO B 137 24.10 -27.23 13.30
C PRO B 137 22.96 -26.31 13.67
N PRO B 138 22.69 -26.15 14.96
CA PRO B 138 21.57 -25.31 15.37
C PRO B 138 21.75 -23.90 14.84
N SER B 139 20.67 -23.31 14.31
CA SER B 139 20.66 -21.91 13.87
C SER B 139 19.40 -21.18 14.35
N GLN B 140 19.57 -20.18 15.20
CA GLN B 140 18.42 -19.51 15.85
C GLN B 140 17.41 -20.51 16.36
N GLY B 141 17.86 -21.66 16.86
CA GLY B 141 16.98 -22.65 17.48
C GLY B 141 16.57 -23.81 16.58
N TYR B 142 16.80 -23.69 15.28
CA TYR B 142 16.31 -24.66 14.30
C TYR B 142 17.37 -25.66 13.85
N LEU B 143 16.92 -26.86 13.49
CA LEU B 143 17.81 -27.98 13.17
C LEU B 143 17.59 -28.64 11.80
N TYR B 144 16.43 -28.46 11.20
CA TYR B 144 16.09 -29.12 9.95
C TYR B 144 15.53 -28.13 8.92
N VAL B 145 15.42 -28.59 7.67
CA VAL B 145 14.80 -27.81 6.65
C VAL B 145 13.85 -28.75 5.99
N LEU B 146 12.57 -28.37 5.95
CA LEU B 146 11.61 -29.10 5.16
C LEU B 146 11.68 -28.50 3.77
N VAL B 147 11.82 -29.35 2.77
CA VAL B 147 12.06 -28.95 1.39
C VAL B 147 10.83 -29.33 0.61
N VAL B 148 10.28 -28.37 -0.12
CA VAL B 148 9.11 -28.65 -0.95
C VAL B 148 9.46 -28.13 -2.32
N VAL B 149 9.18 -28.97 -3.31
CA VAL B 149 9.53 -28.66 -4.67
C VAL B 149 8.31 -28.98 -5.52
N ASP B 150 7.86 -27.98 -6.28
CA ASP B 150 6.78 -28.24 -7.19
C ASP B 150 7.34 -29.04 -8.39
N GLY B 151 6.57 -30.02 -8.86
CA GLY B 151 7.06 -31.02 -9.79
C GLY B 151 7.14 -30.48 -11.19
N MET B 152 6.05 -29.86 -11.64
CA MET B 152 6.03 -29.22 -12.94
C MET B 152 7.05 -28.06 -13.09
N THR B 153 7.12 -27.13 -12.14
CA THR B 153 7.95 -25.92 -12.31
C THR B 153 9.36 -26.07 -11.74
N GLY B 154 9.56 -26.97 -10.79
CA GLY B 154 10.81 -27.00 -10.05
C GLY B 154 10.96 -25.89 -9.00
N PHE B 155 9.88 -25.13 -8.77
CA PHE B 155 9.89 -24.08 -7.75
C PHE B 155 10.06 -24.73 -6.38
N THR B 156 10.93 -24.14 -5.57
CA THR B 156 11.29 -24.65 -4.26
C THR B 156 10.82 -23.71 -3.13
N TRP B 157 10.25 -24.29 -2.08
CA TRP B 157 10.03 -23.60 -0.82
C TRP B 157 10.74 -24.34 0.29
N LEU B 158 11.37 -23.58 1.19
CA LEU B 158 12.08 -24.12 2.35
C LEU B 158 11.54 -23.63 3.73
N TYR B 159 11.33 -24.55 4.66
CA TYR B 159 10.90 -24.18 6.00
C TYR B 159 11.79 -24.79 7.04
N PRO B 160 12.36 -23.95 7.91
CA PRO B 160 13.18 -24.37 9.05
C PRO B 160 12.28 -25.03 10.11
N THR B 161 12.67 -26.19 10.65
CA THR B 161 11.92 -26.81 11.74
C THR B 161 12.85 -27.22 12.89
N LYS B 162 12.28 -27.56 14.05
CA LYS B 162 13.11 -27.97 15.19
C LYS B 162 13.26 -29.49 15.22
N ALA B 163 12.44 -30.19 14.45
CA ALA B 163 12.38 -31.65 14.47
C ALA B 163 11.73 -32.18 13.17
N PRO B 164 12.04 -33.42 12.77
CA PRO B 164 11.34 -34.00 11.63
C PRO B 164 10.04 -34.66 12.04
N SER B 165 9.18 -33.91 12.72
CA SER B 165 7.97 -34.50 13.28
C SER B 165 6.77 -34.19 12.45
N THR B 166 5.71 -34.99 12.61
CA THR B 166 4.44 -34.67 11.98
C THR B 166 4.00 -33.25 12.33
N SER B 167 4.04 -32.95 13.62
CA SER B 167 3.67 -31.64 14.10
C SER B 167 4.41 -30.49 13.37
N ALA B 168 5.73 -30.60 13.25
CA ALA B 168 6.52 -29.56 12.57
C ALA B 168 6.25 -29.51 11.05
N THR B 169 5.90 -30.64 10.48
CA THR B 169 5.59 -30.70 9.08
C THR B 169 4.27 -30.00 8.86
N VAL B 170 3.26 -30.37 9.65
CA VAL B 170 1.93 -29.76 9.61
C VAL B 170 2.02 -28.23 9.78
N LYS B 171 2.83 -27.77 10.73
CA LYS B 171 2.93 -26.34 10.97
C LYS B 171 3.47 -25.67 9.73
N SER B 172 4.52 -26.25 9.16
CA SER B 172 5.18 -25.67 7.99
C SER B 172 4.29 -25.77 6.79
N LEU B 173 3.71 -26.94 6.54
CA LEU B 173 2.84 -27.05 5.38
C LEU B 173 1.58 -26.17 5.48
N ASN B 174 1.20 -25.81 6.71
CA ASN B 174 0.05 -24.93 6.91
C ASN B 174 0.32 -23.55 6.36
N VAL B 175 1.56 -23.11 6.46
CA VAL B 175 1.97 -21.86 5.79
C VAL B 175 1.88 -22.00 4.28
N LEU B 176 2.57 -22.97 3.70
CA LEU B 176 2.54 -23.14 2.25
C LEU B 176 1.12 -23.34 1.72
N THR B 177 0.31 -24.13 2.41
CA THR B 177 -1.03 -24.45 1.87
C THR B 177 -2.07 -23.36 2.17
N SER B 178 -1.62 -22.25 2.76
CA SER B 178 -2.40 -21.03 2.81
C SER B 178 -2.00 -20.10 1.64
N ILE B 179 -1.02 -20.53 0.85
CA ILE B 179 -0.72 -19.86 -0.42
C ILE B 179 -1.19 -20.68 -1.61
N ALA B 180 -1.00 -22.00 -1.57
CA ALA B 180 -1.39 -22.88 -2.70
C ALA B 180 -1.48 -24.31 -2.24
N ILE B 181 -2.46 -25.03 -2.74
CA ILE B 181 -2.66 -26.43 -2.30
C ILE B 181 -2.36 -27.40 -3.46
N PRO B 182 -1.48 -28.40 -3.23
CA PRO B 182 -1.16 -29.38 -4.25
C PRO B 182 -2.25 -30.43 -4.29
N LYS B 183 -2.50 -31.03 -5.47
CA LYS B 183 -3.38 -32.20 -5.56
C LYS B 183 -2.72 -33.40 -4.85
N VAL B 184 -1.40 -33.53 -4.99
CA VAL B 184 -0.67 -34.68 -4.45
C VAL B 184 0.56 -34.19 -3.74
N ILE B 185 0.82 -34.79 -2.57
CA ILE B 185 2.13 -34.66 -1.94
C ILE B 185 2.85 -36.01 -2.13
N HIS B 186 4.07 -35.95 -2.66
CA HIS B 186 4.94 -37.13 -2.76
C HIS B 186 6.03 -37.05 -1.73
N SER B 187 6.24 -38.16 -1.01
CA SER B 187 7.38 -38.23 -0.06
C SER B 187 7.91 -39.65 0.01
N ASP B 188 9.08 -39.81 0.65
CA ASP B 188 9.55 -41.12 1.12
C ASP B 188 8.69 -41.61 2.30
N GLN B 189 9.05 -42.74 2.91
CA GLN B 189 8.29 -43.25 4.05
C GLN B 189 8.84 -42.79 5.38
N GLY B 190 9.37 -41.58 5.43
CA GLY B 190 9.71 -40.95 6.72
C GLY B 190 8.53 -41.05 7.68
N ALA B 191 8.83 -41.07 8.96
CA ALA B 191 7.81 -41.29 9.99
C ALA B 191 6.81 -40.13 10.03
N ALA B 192 7.35 -38.90 10.01
CA ALA B 192 6.52 -37.70 9.92
C ALA B 192 5.47 -37.78 8.82
N PHE B 193 5.77 -38.45 7.70
CA PHE B 193 4.85 -38.47 6.56
C PHE B 193 3.92 -39.66 6.55
N THR B 194 4.24 -40.71 7.29
CA THR B 194 3.38 -41.91 7.26
C THR B 194 2.42 -41.99 8.49
N SER B 195 2.60 -41.11 9.48
CA SER B 195 1.71 -41.04 10.65
C SER B 195 0.24 -40.86 10.30
N SER B 196 -0.64 -41.32 11.17
CA SER B 196 -2.05 -41.19 10.87
C SER B 196 -2.53 -39.71 10.98
N THR B 197 -1.86 -38.90 11.82
CA THR B 197 -2.10 -37.48 11.90
C THR B 197 -1.85 -36.80 10.55
N PHE B 198 -0.64 -36.95 10.01
CA PHE B 198 -0.36 -36.40 8.70
C PHE B 198 -1.35 -36.87 7.66
N ALA B 199 -1.75 -38.13 7.72
CA ALA B 199 -2.79 -38.59 6.80
C ALA B 199 -4.14 -37.87 7.00
N GLU B 200 -4.55 -37.68 8.26
CA GLU B 200 -5.80 -36.92 8.57
C GLU B 200 -5.71 -35.48 8.02
N TRP B 201 -4.59 -34.80 8.29
CA TRP B 201 -4.29 -33.47 7.75
C TRP B 201 -4.47 -33.40 6.25
N ALA B 202 -3.88 -34.35 5.53
CA ALA B 202 -3.97 -34.31 4.09
C ALA B 202 -5.38 -34.54 3.61
N LYS B 203 -6.08 -35.47 4.24
CA LYS B 203 -7.44 -35.81 3.86
C LYS B 203 -8.35 -34.61 4.05
N GLU B 204 -8.17 -33.90 5.16
CA GLU B 204 -8.98 -32.69 5.46
C GLU B 204 -8.85 -31.66 4.34
N ARG B 205 -7.71 -31.64 3.65
CA ARG B 205 -7.47 -30.67 2.58
C ARG B 205 -7.62 -31.24 1.18
N GLY B 206 -8.15 -32.46 1.08
CA GLY B 206 -8.33 -33.09 -0.24
C GLY B 206 -7.01 -33.30 -0.98
N ILE B 207 -5.90 -33.42 -0.23
CA ILE B 207 -4.59 -33.73 -0.79
C ILE B 207 -4.32 -35.23 -0.75
N HIS B 208 -4.13 -35.86 -1.91
CA HIS B 208 -3.75 -37.27 -1.95
C HIS B 208 -2.29 -37.44 -1.57
N LEU B 209 -2.00 -38.39 -0.67
CA LEU B 209 -0.60 -38.70 -0.31
C LEU B 209 0.00 -39.84 -1.13
N GLU B 210 1.27 -39.68 -1.48
CA GLU B 210 1.99 -40.61 -2.37
C GLU B 210 3.39 -40.93 -1.85
N PHE B 211 3.66 -42.23 -1.74
CA PHE B 211 4.92 -42.72 -1.16
C PHE B 211 5.79 -43.50 -2.14
N SER B 212 7.07 -43.19 -2.16
CA SER B 212 8.03 -44.09 -2.75
C SER B 212 8.17 -45.35 -1.86
N THR B 213 8.55 -46.48 -2.46
CA THR B 213 8.75 -47.72 -1.70
C THR B 213 10.01 -47.60 -0.80
N PRO B 214 10.00 -48.24 0.40
CA PRO B 214 11.12 -48.10 1.34
C PRO B 214 12.45 -48.42 0.65
N TYR B 215 13.47 -47.66 1.00
CA TYR B 215 14.82 -47.82 0.44
C TYR B 215 14.96 -47.48 -1.06
N HIS B 216 13.84 -47.33 -1.79
CA HIS B 216 13.87 -46.97 -3.22
C HIS B 216 13.28 -45.58 -3.51
N PRO B 217 14.03 -44.50 -3.17
CA PRO B 217 13.47 -43.15 -3.26
C PRO B 217 13.47 -42.64 -4.71
N GLN B 218 12.28 -42.42 -5.27
CA GLN B 218 12.17 -41.99 -6.64
C GLN B 218 11.22 -40.80 -6.77
N SER B 219 11.74 -39.71 -7.34
CA SER B 219 10.95 -38.53 -7.57
C SER B 219 10.73 -38.30 -9.08
N SER B 220 11.56 -37.47 -9.71
CA SER B 220 11.63 -37.28 -11.18
C SER B 220 12.98 -36.67 -11.46
N GLY B 221 13.43 -36.76 -12.72
CA GLY B 221 14.71 -36.19 -13.12
C GLY B 221 14.87 -34.77 -12.61
N LYS B 222 13.91 -33.92 -12.99
CA LYS B 222 13.91 -32.50 -12.61
C LYS B 222 13.97 -32.31 -11.09
N VAL B 223 13.13 -33.05 -10.36
CA VAL B 223 13.13 -32.97 -8.90
C VAL B 223 14.45 -33.45 -8.27
N GLU B 224 14.91 -34.64 -8.67
CA GLU B 224 16.19 -35.21 -8.20
C GLU B 224 17.34 -34.22 -8.31
N ARG B 225 17.44 -33.63 -9.50
CA ARG B 225 18.47 -32.64 -9.77
C ARG B 225 18.28 -31.43 -8.85
N LYS B 226 17.04 -30.95 -8.77
CA LYS B 226 16.72 -29.82 -7.89
C LYS B 226 17.17 -30.08 -6.46
N ASN B 227 16.81 -31.25 -5.91
CA ASN B 227 17.20 -31.60 -4.53
C ASN B 227 18.71 -31.67 -4.37
N SER B 228 19.36 -32.14 -5.43
CA SER B 228 20.78 -32.20 -5.44
C SER B 228 21.32 -30.78 -5.40
N ASP B 229 20.80 -29.89 -6.24
CA ASP B 229 21.22 -28.47 -6.17
C ASP B 229 21.07 -27.93 -4.75
N ILE B 230 19.92 -28.22 -4.13
CA ILE B 230 19.63 -27.73 -2.79
C ILE B 230 20.70 -28.16 -1.78
N LYS B 231 21.00 -29.47 -1.70
CA LYS B 231 22.05 -29.97 -0.77
C LYS B 231 23.41 -29.31 -1.03
N ARG B 232 23.79 -29.21 -2.29
CA ARG B 232 25.09 -28.63 -2.63
C ARG B 232 25.12 -27.14 -2.32
N LEU B 233 24.06 -26.41 -2.63
CA LEU B 233 24.04 -24.97 -2.31
C LEU B 233 24.06 -24.74 -0.80
N LEU B 234 23.31 -25.54 -0.06
CA LEU B 234 23.30 -25.44 1.39
C LEU B 234 24.70 -25.60 1.95
N THR B 235 25.35 -26.71 1.57
CA THR B 235 26.68 -27.06 2.05
C THR B 235 27.68 -25.98 1.73
N LYS B 236 27.60 -25.41 0.52
CA LYS B 236 28.51 -24.36 0.12
C LYS B 236 28.38 -23.16 1.07
N LEU B 237 27.16 -22.76 1.40
CA LEU B 237 27.01 -21.56 2.22
C LEU B 237 27.12 -21.80 3.75
N LEU B 238 26.79 -23.02 4.19
CA LEU B 238 27.15 -23.50 5.54
C LEU B 238 28.61 -23.15 5.91
N VAL B 239 29.59 -23.83 5.32
CA VAL B 239 31.04 -23.63 5.62
C VAL B 239 31.44 -22.16 5.84
N GLY B 240 32.21 -21.92 6.89
CA GLY B 240 32.53 -20.56 7.34
C GLY B 240 31.54 -20.04 8.36
N ARG B 241 30.24 -20.30 8.14
CA ARG B 241 29.12 -19.83 9.00
C ARG B 241 28.00 -20.89 9.21
N PRO B 242 28.36 -22.06 9.77
CA PRO B 242 27.47 -23.24 9.83
C PRO B 242 26.25 -23.04 10.73
N THR B 243 26.20 -21.85 11.31
CA THR B 243 25.27 -21.54 12.37
C THR B 243 24.37 -20.39 11.94
N LYS B 244 24.64 -19.85 10.75
CA LYS B 244 23.96 -18.66 10.26
C LYS B 244 23.00 -18.93 9.09
N TRP B 245 22.60 -20.20 8.92
CA TRP B 245 21.77 -20.58 7.75
C TRP B 245 20.33 -20.13 7.80
N TYR B 246 19.77 -20.06 9.00
CA TYR B 246 18.43 -19.52 9.18
C TYR B 246 18.25 -18.21 8.42
N ASP B 247 19.21 -17.30 8.55
CA ASP B 247 19.09 -15.98 7.89
C ASP B 247 19.17 -16.06 6.36
N LEU B 248 19.79 -17.12 5.84
CA LEU B 248 20.12 -17.19 4.43
C LEU B 248 19.06 -17.92 3.63
N LEU B 249 18.17 -18.61 4.32
CA LEU B 249 17.15 -19.36 3.62
C LEU B 249 16.40 -18.54 2.57
N PRO B 250 15.98 -17.30 2.89
CA PRO B 250 15.39 -16.54 1.76
C PRO B 250 16.28 -16.45 0.51
N VAL B 251 17.56 -16.08 0.67
CA VAL B 251 18.38 -15.86 -0.50
C VAL B 251 18.66 -17.17 -1.26
N VAL B 252 18.80 -18.25 -0.52
CA VAL B 252 18.92 -19.55 -1.11
C VAL B 252 17.76 -19.81 -2.05
N GLN B 253 16.54 -19.56 -1.56
CA GLN B 253 15.35 -19.87 -2.32
C GLN B 253 15.28 -19.07 -3.60
N LEU B 254 15.58 -17.77 -3.50
CA LEU B 254 15.62 -16.90 -4.66
C LEU B 254 16.59 -17.43 -5.71
N ALA B 255 17.78 -17.84 -5.24
CA ALA B 255 18.86 -18.40 -6.07
C ALA B 255 18.32 -19.59 -6.80
N LEU B 256 17.81 -20.56 -6.06
CA LEU B 256 17.27 -21.75 -6.63
C LEU B 256 16.18 -21.50 -7.63
N ASN B 257 15.34 -20.48 -7.40
CA ASN B 257 14.08 -20.36 -8.15
C ASN B 257 14.29 -19.44 -9.34
N ASN B 258 15.45 -18.79 -9.34
CA ASN B 258 15.86 -18.03 -10.52
C ASN B 258 17.07 -18.66 -11.25
N THR B 259 17.17 -19.98 -11.15
CA THR B 259 18.23 -20.75 -11.79
C THR B 259 17.70 -21.32 -13.10
N TYR B 260 18.41 -21.03 -14.18
CA TYR B 260 18.03 -21.52 -15.50
C TYR B 260 17.92 -23.08 -15.57
N SER B 261 16.85 -23.58 -16.19
CA SER B 261 16.67 -25.05 -16.43
C SER B 261 17.24 -25.48 -17.82
N PRO B 262 18.32 -26.28 -17.84
CA PRO B 262 18.85 -26.74 -19.14
C PRO B 262 17.75 -27.33 -20.01
N VAL B 263 16.96 -28.26 -19.44
CA VAL B 263 15.89 -29.00 -20.15
C VAL B 263 14.73 -28.13 -20.63
N LEU B 264 14.13 -27.32 -19.73
CA LEU B 264 13.13 -26.34 -20.15
C LEU B 264 13.89 -25.04 -20.45
N LYS B 265 13.31 -24.15 -21.24
CA LYS B 265 14.05 -22.91 -21.52
C LYS B 265 13.87 -21.83 -20.42
N TYR B 266 13.40 -22.22 -19.22
CA TYR B 266 12.91 -21.24 -18.22
C TYR B 266 13.28 -21.54 -16.78
N THR B 267 13.35 -20.51 -15.92
CA THR B 267 13.49 -20.70 -14.48
C THR B 267 12.15 -21.15 -13.83
N PRO B 268 12.20 -21.76 -12.63
CA PRO B 268 10.96 -22.01 -11.87
C PRO B 268 10.12 -20.73 -11.68
N HIS B 269 10.76 -19.65 -11.27
CA HIS B 269 10.07 -18.37 -11.22
C HIS B 269 9.30 -18.13 -12.48
N GLN B 270 9.96 -18.13 -13.63
CA GLN B 270 9.24 -17.87 -14.89
C GLN B 270 8.06 -18.82 -15.13
N LEU B 271 8.21 -20.08 -14.77
CA LEU B 271 7.14 -21.05 -15.04
C LEU B 271 5.96 -20.94 -14.07
N LEU B 272 6.24 -20.39 -12.89
CA LEU B 272 5.25 -20.33 -11.86
C LEU B 272 4.38 -19.09 -12.08
N PHE B 273 5.02 -17.95 -12.36
CA PHE B 273 4.35 -16.66 -12.49
C PHE B 273 4.23 -16.13 -13.90
N GLY B 274 4.93 -16.75 -14.86
CA GLY B 274 4.90 -16.30 -16.25
C GLY B 274 5.42 -14.89 -16.52
N ILE B 275 6.46 -14.49 -15.82
CA ILE B 275 7.12 -13.20 -16.00
C ILE B 275 8.61 -13.37 -15.65
N ASP B 276 9.45 -12.41 -16.06
CA ASP B 276 10.83 -12.36 -15.59
C ASP B 276 10.84 -11.90 -14.14
N SER B 277 11.95 -12.11 -13.48
CA SER B 277 12.03 -11.87 -12.08
C SER B 277 12.80 -10.59 -11.97
N ASN B 278 12.72 -9.90 -10.84
CA ASN B 278 13.58 -8.74 -10.61
C ASN B 278 14.89 -9.10 -9.96
N THR B 279 15.06 -10.38 -9.66
CA THR B 279 16.35 -10.86 -9.18
C THR B 279 16.83 -11.96 -10.13
N PRO B 280 17.31 -11.59 -11.31
CA PRO B 280 17.87 -12.66 -12.16
C PRO B 280 19.22 -13.06 -11.55
N PHE B 281 19.58 -14.34 -11.60
CA PHE B 281 20.87 -14.73 -11.04
C PHE B 281 21.79 -15.12 -12.18
N ALA B 282 22.30 -14.09 -12.86
CA ALA B 282 23.08 -14.23 -14.10
C ALA B 282 24.41 -14.94 -13.89
N ASN B 283 24.99 -14.82 -12.69
CA ASN B 283 26.10 -15.66 -12.23
C ASN B 283 25.64 -17.10 -11.87
N GLN B 284 25.14 -17.86 -12.87
CA GLN B 284 24.90 -19.29 -12.72
C GLN B 284 26.23 -19.84 -12.21
N ASP B 285 26.25 -20.27 -10.94
CA ASP B 285 27.50 -20.31 -10.13
C ASP B 285 28.25 -21.65 -10.01
N THR B 286 29.39 -21.62 -9.30
CA THR B 286 30.25 -22.80 -9.09
C THR B 286 29.45 -23.96 -8.50
N LEU B 287 28.81 -23.71 -7.35
CA LEU B 287 28.12 -24.74 -6.57
C LEU B 287 29.14 -25.76 -6.03
N ASP B 288 30.40 -25.57 -6.43
CA ASP B 288 31.52 -26.42 -6.03
C ASP B 288 32.37 -25.73 -4.95
N LEU B 289 32.93 -26.54 -4.05
CA LEU B 289 33.76 -26.07 -2.94
C LEU B 289 35.22 -25.82 -3.37
N THR B 290 35.73 -24.61 -3.12
CA THR B 290 37.15 -24.27 -3.35
C THR B 290 38.06 -25.09 -2.41
N ARG B 291 39.34 -25.21 -2.75
CA ARG B 291 40.31 -25.95 -1.91
C ARG B 291 40.32 -25.47 -0.44
N GLU B 292 40.22 -24.15 -0.25
CA GLU B 292 40.10 -23.53 1.09
C GLU B 292 38.85 -23.98 1.88
N GLU B 293 37.72 -24.10 1.17
CA GLU B 293 36.44 -24.50 1.76
C GLU B 293 36.33 -25.99 2.13
N GLU B 294 37.04 -26.86 1.40
CA GLU B 294 37.17 -28.27 1.80
C GLU B 294 38.06 -28.38 3.03
N LEU B 295 39.10 -27.53 3.06
CA LEU B 295 39.99 -27.42 4.23
C LEU B 295 39.23 -26.95 5.47
N SER B 296 38.27 -26.05 5.28
CA SER B 296 37.37 -25.60 6.35
C SER B 296 36.39 -26.68 6.80
N LEU B 297 35.89 -27.48 5.84
CA LEU B 297 34.89 -28.51 6.13
C LEU B 297 35.45 -29.87 6.57
N LEU B 298 36.69 -30.18 6.18
CA LEU B 298 37.41 -31.34 6.73
C LEU B 298 37.95 -31.05 8.15
N GLN B 299 37.98 -29.76 8.53
CA GLN B 299 38.38 -29.32 9.87
C GLN B 299 37.20 -29.18 10.87
N GLU B 300 36.08 -28.58 10.41
CA GLU B 300 34.82 -28.48 11.17
C GLU B 300 34.26 -29.85 11.59
N ILE B 301 34.56 -30.86 10.76
CA ILE B 301 34.12 -32.23 10.97
C ILE B 301 35.17 -33.04 11.77
N ARG B 302 35.95 -32.32 12.60
CA ARG B 302 37.03 -32.90 13.43
C ARG B 302 36.92 -32.53 14.92
ZN ZN E . -11.91 37.46 10.72
S SO4 F . 0.88 27.74 11.02
O1 SO4 F . -0.32 28.56 11.36
O2 SO4 F . 1.03 26.56 11.91
O3 SO4 F . 2.09 28.59 11.10
O4 SO4 F . 0.74 27.28 9.61
C1 GOL G . 10.76 1.13 15.30
O1 GOL G . 9.57 1.50 14.59
C2 GOL G . 10.79 -0.39 15.54
O2 GOL G . 12.08 -0.96 15.27
C3 GOL G . 10.47 -0.82 16.97
O3 GOL G . 10.96 -2.17 17.00
C1 GOL H . -6.63 -14.78 22.97
O1 GOL H . -5.91 -13.89 23.85
C2 GOL H . -5.71 -15.90 22.49
O2 GOL H . -5.67 -16.88 23.53
C3 GOL H . -6.27 -16.54 21.24
O3 GOL H . -7.66 -16.48 21.44
C1 GOL I . -20.42 51.49 15.90
O1 GOL I . -21.85 51.41 15.85
C2 GOL I . -20.05 52.42 14.75
O2 GOL I . -20.07 53.76 15.23
C3 GOL I . -18.66 52.15 14.22
O3 GOL I . -18.55 52.87 12.98
MG MG J . -1.36 2.80 7.81
MG MG K . -4.69 1.91 6.32
CL CIJ L . -8.78 4.48 2.29
OAA CIJ L . -7.61 6.80 8.80
OAB CIJ L . -6.31 2.89 7.04
OAC CIJ L . -1.60 4.43 8.94
OAD CIJ L . -3.44 2.93 7.66
FAE CIJ L . -10.46 6.77 2.57
CAG CIJ L . -3.27 6.14 9.46
CAH CIJ L . -10.49 6.80 4.96
CAI CIJ L . -10.04 6.24 6.16
CAJ CIJ L . -4.60 6.57 9.38
CAK CIJ L . -8.83 4.55 4.94
CAL CIJ L . -8.75 4.50 7.40
CAM CIJ L . -2.89 4.91 8.87
CAN CIJ L . -10.08 6.24 3.76
CAO CIJ L . -3.83 4.12 8.23
CAP CIJ L . -9.28 5.12 3.78
CAQ CIJ L . -9.20 5.13 6.14
CAR CIJ L . -6.92 5.85 8.48
CAS CIJ L . -6.31 3.97 7.63
CAT CIJ L . -5.55 5.76 8.73
CAU CIJ L . -5.16 4.54 8.18
NAV CIJ L . -7.35 4.78 7.80
S SO4 M . 0.45 9.58 7.83
O1 SO4 M . 0.61 8.48 6.83
O2 SO4 M . -0.90 9.46 8.41
O3 SO4 M . 0.68 10.90 7.20
O4 SO4 M . 1.44 9.43 8.94
C1 GOL N . -0.86 6.71 -15.01
O1 GOL N . -1.75 5.65 -14.70
C2 GOL N . -0.03 6.81 -13.77
O2 GOL N . 0.30 8.19 -13.55
C3 GOL N . 1.23 5.99 -13.98
O3 GOL N . 1.43 5.29 -12.76
S SO4 O . 16.52 -29.44 -15.18
O1 SO4 O . 15.51 -30.53 -15.32
O2 SO4 O . 15.92 -28.19 -14.66
O3 SO4 O . 17.09 -29.14 -16.51
O4 SO4 O . 17.60 -29.87 -14.26
C1 GOL P . 7.59 -18.07 -19.69
O1 GOL P . 6.79 -18.64 -20.75
C2 GOL P . 7.70 -16.57 -19.93
O2 GOL P . 6.45 -15.99 -19.59
C3 GOL P . 8.80 -15.90 -19.11
O3 GOL P . 9.16 -14.67 -19.77
#